data_3KTW
#
_entry.id   3KTW
#
_cell.length_a   71.307
_cell.length_b   79.338
_cell.length_c   114.067
_cell.angle_alpha   90.000
_cell.angle_beta   101.990
_cell.angle_gamma   90.000
#
_symmetry.space_group_name_H-M   'P 1 21 1'
#
loop_
_entity.id
_entity.type
_entity.pdbx_description
1 polymer 'SRP RNA'
2 polymer 'Signal recognition particle 19 kDa protein'
3 non-polymer 'POTASSIUM ION'
4 non-polymer 'MAGNESIUM ION'
#
loop_
_entity_poly.entity_id
_entity_poly.type
_entity_poly.pdbx_seq_one_letter_code
_entity_poly.pdbx_strand_id
1 'polyribonucleotide'
;AGAUAGUCGUGGGUUCCCUUUCUGGAGGGAGAGGGAAUUCCACGUUGACCGGGGGAACCGGCCAGGCCCGGAAGGGAGCA
ACCGUGCCCGGCUAUC
;
C,D
2 'polypeptide(L)'
;MGHHHHHHSLRDLKEENRIVIWPSYFFSPTRSKGRRLARIPYKIKTEELVSTLRELGLDPIVIENKKYPRDRKINFLIAV
KKVKSKNYTLKIIHNALMGTRQTNPNKSN
;
A,B
#
loop_
_chem_comp.id
_chem_comp.type
_chem_comp.name
_chem_comp.formula
A RNA linking ADENOSINE-5'-MONOPHOSPHATE 'C10 H14 N5 O7 P'
C RNA linking CYTIDINE-5'-MONOPHOSPHATE 'C9 H14 N3 O8 P'
G RNA linking GUANOSINE-5'-MONOPHOSPHATE 'C10 H14 N5 O8 P'
K non-polymer 'POTASSIUM ION' 'K 1'
MG non-polymer 'MAGNESIUM ION' 'Mg 2'
U RNA linking URIDINE-5'-MONOPHOSPHATE 'C9 H13 N2 O9 P'
#
# COMPACT_ATOMS: atom_id res chain seq x y z
N SER C 9 18.27 -9.14 7.74
CA SER C 9 19.74 -8.92 7.48
C SER C 9 20.04 -7.53 6.87
N LEU C 10 19.09 -6.61 7.03
CA LEU C 10 19.32 -5.23 6.67
C LEU C 10 19.81 -5.03 5.24
N ARG C 11 20.73 -4.08 5.12
CA ARG C 11 21.18 -3.58 3.83
C ARG C 11 22.69 -3.69 3.66
N ASP C 12 23.36 -4.33 4.61
CA ASP C 12 24.80 -4.53 4.49
C ASP C 12 25.15 -4.81 3.03
N LEU C 13 24.63 -5.92 2.51
CA LEU C 13 24.88 -6.33 1.14
C LEU C 13 25.34 -5.15 0.27
N LYS C 14 24.69 -4.01 0.44
CA LYS C 14 24.98 -2.87 -0.39
C LYS C 14 26.47 -2.68 -0.42
N GLU C 15 27.10 -2.87 0.73
CA GLU C 15 28.54 -2.72 0.84
C GLU C 15 29.30 -3.97 0.42
N GLU C 16 28.59 -5.07 0.18
CA GLU C 16 29.26 -6.30 -0.24
C GLU C 16 29.06 -6.64 -1.70
N ASN C 17 28.67 -5.69 -2.52
CA ASN C 17 28.33 -6.01 -3.91
C ASN C 17 27.33 -7.18 -3.97
N ARG C 18 26.46 -7.26 -2.97
CA ARG C 18 25.43 -8.29 -2.94
C ARG C 18 24.11 -7.70 -3.40
N ILE C 19 23.22 -8.58 -3.87
CA ILE C 19 21.87 -8.20 -4.26
C ILE C 19 20.94 -9.36 -3.96
N VAL C 20 19.73 -9.05 -3.53
CA VAL C 20 18.79 -10.06 -3.11
C VAL C 20 18.03 -10.68 -4.27
N ILE C 21 17.90 -12.01 -4.23
CA ILE C 21 17.15 -12.75 -5.21
C ILE C 21 15.99 -13.44 -4.53
N TRP C 22 14.76 -13.04 -4.89
CA TRP C 22 13.57 -13.78 -4.51
C TRP C 22 13.33 -14.83 -5.57
N PRO C 23 13.25 -16.10 -5.17
CA PRO C 23 13.18 -17.18 -6.15
C PRO C 23 12.15 -16.90 -7.24
N SER C 24 11.07 -16.24 -6.86
CA SER C 24 9.99 -15.94 -7.80
C SER C 24 10.45 -15.20 -9.03
N TYR C 25 11.43 -14.31 -8.85
CA TYR C 25 12.03 -13.60 -9.98
C TYR C 25 12.11 -14.52 -11.20
N PHE C 26 12.32 -15.80 -10.93
CA PHE C 26 12.49 -16.78 -11.97
C PHE C 26 11.25 -17.65 -12.10
N PHE C 27 10.87 -18.32 -11.02
CA PHE C 27 9.82 -19.32 -11.06
C PHE C 27 8.45 -18.82 -10.58
N SER C 28 8.00 -17.71 -11.15
CA SER C 28 6.62 -17.32 -10.94
C SER C 28 5.85 -17.63 -12.20
N PRO C 29 4.67 -18.21 -12.02
CA PRO C 29 3.77 -18.58 -13.10
C PRO C 29 3.31 -17.35 -13.90
N THR C 30 3.22 -16.21 -13.23
CA THR C 30 2.89 -14.98 -13.94
C THR C 30 3.85 -13.84 -13.60
N ARG C 31 4.19 -13.06 -14.60
CA ARG C 31 5.06 -11.90 -14.38
C ARG C 31 4.44 -10.96 -13.36
N SER C 32 3.17 -10.65 -13.53
CA SER C 32 2.50 -9.78 -12.58
C SER C 32 2.73 -10.36 -11.18
N LYS C 33 2.94 -11.66 -11.14
CA LYS C 33 3.08 -12.33 -9.86
C LYS C 33 4.53 -12.30 -9.39
N GLY C 34 5.45 -12.00 -10.32
CA GLY C 34 6.85 -11.82 -9.93
C GLY C 34 7.94 -12.12 -10.93
N ARG C 35 7.68 -13.00 -11.89
CA ARG C 35 8.72 -13.37 -12.82
C ARG C 35 9.21 -12.11 -13.54
N ARG C 36 10.52 -12.01 -13.75
CA ARG C 36 11.08 -10.86 -14.44
C ARG C 36 11.68 -11.23 -15.78
N LEU C 37 11.70 -12.51 -16.10
CA LEU C 37 12.19 -12.95 -17.40
C LEU C 37 11.33 -14.07 -17.94
N ALA C 38 11.54 -14.39 -19.21
CA ALA C 38 10.78 -15.46 -19.84
C ALA C 38 10.57 -16.61 -18.85
N ARG C 39 9.43 -17.27 -19.00
CA ARG C 39 9.10 -18.44 -18.21
C ARG C 39 10.09 -19.54 -18.45
N ILE C 40 10.41 -20.27 -17.40
CA ILE C 40 11.21 -21.48 -17.56
C ILE C 40 10.31 -22.69 -17.66
N PRO C 41 10.16 -23.24 -18.88
CA PRO C 41 9.38 -24.45 -19.11
C PRO C 41 9.61 -25.47 -17.99
N TYR C 42 10.75 -26.14 -18.01
CA TYR C 42 11.08 -27.10 -16.97
C TYR C 42 10.70 -26.55 -15.61
N LYS C 43 10.67 -27.42 -14.61
CA LYS C 43 10.45 -26.98 -13.24
C LYS C 43 11.79 -27.07 -12.54
N ILE C 44 12.07 -26.12 -11.65
CA ILE C 44 13.35 -26.15 -10.93
C ILE C 44 13.20 -26.14 -9.41
N LYS C 45 13.95 -27.03 -8.77
CA LYS C 45 13.90 -27.19 -7.32
C LYS C 45 14.86 -26.19 -6.63
N THR C 46 14.60 -25.89 -5.36
CA THR C 46 15.41 -24.91 -4.64
C THR C 46 16.90 -25.22 -4.72
N GLU C 47 17.31 -26.28 -4.02
CA GLU C 47 18.72 -26.64 -3.95
C GLU C 47 19.40 -26.60 -5.32
N GLU C 48 18.74 -27.17 -6.33
CA GLU C 48 19.28 -27.10 -7.68
C GLU C 48 19.73 -25.67 -7.96
N LEU C 49 18.84 -24.73 -7.70
CA LEU C 49 19.15 -23.32 -7.94
C LEU C 49 20.44 -22.93 -7.26
N VAL C 50 20.35 -22.68 -5.96
CA VAL C 50 21.51 -22.38 -5.18
C VAL C 50 22.69 -22.88 -5.98
N SER C 51 22.74 -24.20 -6.15
CA SER C 51 23.81 -24.85 -6.86
C SER C 51 24.31 -24.03 -8.05
N THR C 52 23.40 -23.63 -8.92
CA THR C 52 23.74 -22.88 -10.12
C THR C 52 24.41 -21.55 -9.79
N LEU C 53 23.87 -20.87 -8.78
CA LEU C 53 24.44 -19.60 -8.35
C LEU C 53 25.91 -19.82 -8.01
N ARG C 54 26.15 -20.70 -7.05
CA ARG C 54 27.51 -21.07 -6.69
C ARG C 54 28.33 -21.34 -7.95
N GLU C 55 27.73 -22.06 -8.88
CA GLU C 55 28.42 -22.50 -10.08
C GLU C 55 28.95 -21.32 -10.85
N LEU C 56 28.32 -20.16 -10.68
CA LEU C 56 28.74 -18.95 -11.37
C LEU C 56 29.58 -18.11 -10.41
N GLY C 57 30.01 -18.75 -9.33
CA GLY C 57 30.77 -18.08 -8.30
C GLY C 57 30.05 -16.83 -7.87
N LEU C 58 28.77 -16.95 -7.57
CA LEU C 58 28.03 -15.85 -6.99
C LEU C 58 27.97 -16.07 -5.49
N ASP C 59 28.61 -17.15 -5.05
CA ASP C 59 28.78 -17.41 -3.63
C ASP C 59 27.49 -17.09 -2.88
N PRO C 60 26.42 -17.82 -3.22
CA PRO C 60 25.13 -17.58 -2.62
C PRO C 60 25.13 -17.92 -1.15
N ILE C 61 24.62 -17.02 -0.33
CA ILE C 61 24.33 -17.35 1.04
C ILE C 61 22.86 -17.05 1.21
N VAL C 62 22.15 -17.96 1.85
CA VAL C 62 20.70 -17.89 1.89
C VAL C 62 20.22 -17.13 3.13
N ILE C 63 19.00 -16.61 3.05
CA ILE C 63 18.38 -15.96 4.20
C ILE C 63 16.97 -16.46 4.48
N GLU C 64 16.85 -17.33 5.48
CA GLU C 64 15.56 -17.85 5.92
C GLU C 64 14.77 -16.78 6.67
N ASN C 65 13.51 -17.08 6.96
CA ASN C 65 12.66 -16.16 7.71
C ASN C 65 12.43 -14.84 6.93
N LYS C 66 12.19 -14.97 5.63
CA LYS C 66 11.90 -13.80 4.82
C LYS C 66 10.86 -14.01 3.72
N LYS C 67 9.73 -13.32 3.89
CA LYS C 67 8.52 -13.52 3.09
C LYS C 67 8.29 -12.47 2.00
N TYR C 68 8.34 -12.92 0.75
CA TYR C 68 8.01 -12.09 -0.39
C TYR C 68 6.58 -11.60 -0.20
N PRO C 69 6.35 -10.31 -0.48
CA PRO C 69 4.99 -9.77 -0.29
C PRO C 69 4.01 -10.23 -1.36
N ARG C 70 4.51 -10.55 -2.55
CA ARG C 70 3.62 -10.96 -3.63
C ARG C 70 3.22 -12.41 -3.50
N ASP C 71 3.94 -13.14 -2.66
CA ASP C 71 3.49 -14.43 -2.18
C ASP C 71 4.14 -14.70 -0.84
N ARG C 72 3.46 -14.39 0.23
CA ARG C 72 4.10 -14.64 1.51
C ARG C 72 4.41 -16.13 1.59
N LYS C 73 4.11 -16.87 0.53
CA LYS C 73 4.32 -18.30 0.57
C LYS C 73 5.81 -18.62 0.72
N ILE C 74 6.67 -17.80 0.10
CA ILE C 74 8.10 -18.08 0.13
C ILE C 74 8.78 -17.38 1.31
N ASN C 75 9.31 -18.17 2.23
CA ASN C 75 9.86 -17.66 3.48
C ASN C 75 11.36 -17.36 3.43
N PHE C 76 12.01 -17.73 2.32
CA PHE C 76 13.44 -17.54 2.21
C PHE C 76 13.83 -16.61 1.08
N LEU C 77 15.14 -16.35 0.97
CA LEU C 77 15.65 -15.29 0.11
C LEU C 77 17.16 -15.52 -0.07
N ILE C 78 17.67 -15.41 -1.30
CA ILE C 78 19.10 -15.67 -1.54
C ILE C 78 19.92 -14.39 -1.75
N ALA C 79 21.06 -14.27 -1.08
CA ALA C 79 21.96 -13.13 -1.30
C ALA C 79 23.05 -13.50 -2.30
N VAL C 80 23.22 -12.68 -3.34
CA VAL C 80 24.23 -12.96 -4.35
C VAL C 80 25.08 -11.74 -4.72
N LYS C 81 26.26 -11.97 -5.25
CA LYS C 81 27.12 -10.87 -5.61
C LYS C 81 26.70 -10.39 -7.00
N LYS C 82 26.62 -9.08 -7.19
CA LYS C 82 26.34 -8.55 -8.51
C LYS C 82 27.47 -8.97 -9.40
N VAL C 83 27.14 -9.46 -10.58
CA VAL C 83 28.14 -9.59 -11.62
C VAL C 83 28.35 -8.22 -12.24
N LYS C 84 27.34 -7.63 -12.87
CA LYS C 84 27.51 -6.28 -13.39
C LYS C 84 26.42 -5.40 -12.85
N SER C 85 25.19 -5.88 -12.98
CA SER C 85 24.01 -5.19 -12.52
C SER C 85 23.06 -6.30 -12.12
N LYS C 86 22.25 -6.06 -11.10
CA LYS C 86 21.27 -7.06 -10.75
C LYS C 86 20.75 -7.67 -12.04
N ASN C 87 20.41 -6.79 -12.97
CA ASN C 87 19.91 -7.21 -14.27
C ASN C 87 20.82 -8.24 -14.95
N TYR C 88 21.98 -7.80 -15.42
CA TYR C 88 22.91 -8.73 -16.05
C TYR C 88 22.90 -10.05 -15.25
N THR C 89 22.99 -9.93 -13.94
CA THR C 89 23.11 -11.08 -13.06
C THR C 89 22.01 -12.05 -13.35
N LEU C 90 20.77 -11.54 -13.30
CA LEU C 90 19.59 -12.36 -13.50
C LEU C 90 19.64 -13.03 -14.85
N LYS C 91 19.70 -12.23 -15.91
CA LYS C 91 19.75 -12.80 -17.23
C LYS C 91 20.64 -14.02 -17.09
N ILE C 92 21.88 -13.78 -16.69
CA ILE C 92 22.92 -14.80 -16.62
C ILE C 92 22.43 -16.03 -15.88
N ILE C 93 21.80 -15.84 -14.73
CA ILE C 93 21.32 -16.97 -13.99
C ILE C 93 20.25 -17.67 -14.80
N HIS C 94 19.20 -16.92 -15.15
CA HIS C 94 18.11 -17.46 -15.96
C HIS C 94 18.65 -18.23 -17.16
N ASN C 95 19.26 -17.50 -18.07
CA ASN C 95 19.86 -18.11 -19.21
C ASN C 95 20.57 -19.41 -18.85
N ALA C 96 21.24 -19.42 -17.71
CA ALA C 96 21.97 -20.60 -17.30
C ALA C 96 20.99 -21.68 -16.93
N LEU C 97 19.94 -21.29 -16.23
CA LEU C 97 18.92 -22.23 -15.80
C LEU C 97 18.34 -23.01 -16.97
N MET C 98 17.99 -22.32 -18.04
CA MET C 98 17.60 -23.01 -19.25
C MET C 98 18.82 -23.71 -19.78
N GLY C 99 19.31 -24.69 -19.03
CA GLY C 99 20.45 -25.49 -19.47
C GLY C 99 19.96 -26.76 -20.13
N THR C 100 19.15 -26.60 -21.18
CA THR C 100 18.52 -27.74 -21.87
C THR C 100 17.89 -28.72 -20.89
N SER D 9 -14.15 22.48 -2.43
CA SER D 9 -13.26 22.00 -3.50
C SER D 9 -13.64 22.71 -4.79
N LEU D 10 -14.93 22.90 -5.01
CA LEU D 10 -15.31 23.74 -6.12
C LEU D 10 -15.90 25.03 -5.61
N ARG D 11 -15.42 26.11 -6.19
CA ARG D 11 -15.87 27.41 -5.81
C ARG D 11 -17.37 27.36 -5.86
N ASP D 12 -17.87 26.43 -6.66
CA ASP D 12 -19.31 26.29 -6.82
C ASP D 12 -20.05 26.19 -5.50
N LEU D 13 -19.68 25.22 -4.66
CA LEU D 13 -20.42 25.04 -3.41
C LEU D 13 -20.74 26.35 -2.71
N LYS D 14 -20.00 27.41 -3.05
CA LYS D 14 -20.25 28.72 -2.48
C LYS D 14 -21.68 29.11 -2.75
N GLU D 15 -22.19 28.71 -3.92
CA GLU D 15 -23.57 28.97 -4.34
C GLU D 15 -24.54 27.94 -3.78
N GLU D 16 -24.09 26.70 -3.69
CA GLU D 16 -24.93 25.63 -3.20
C GLU D 16 -25.01 25.61 -1.67
N ASN D 17 -24.54 26.67 -1.03
CA ASN D 17 -24.51 26.62 0.42
C ASN D 17 -23.98 25.27 0.90
N ARG D 18 -22.87 24.84 0.30
CA ARG D 18 -22.25 23.58 0.68
C ARG D 18 -20.83 23.83 1.20
N ILE D 19 -20.43 23.07 2.21
CA ILE D 19 -19.08 23.13 2.74
C ILE D 19 -18.52 21.75 2.49
N VAL D 20 -17.20 21.56 2.65
CA VAL D 20 -16.57 20.29 2.35
C VAL D 20 -16.12 19.60 3.61
N ILE D 21 -16.33 18.30 3.70
CA ILE D 21 -15.90 17.57 4.86
C ILE D 21 -14.83 16.56 4.48
N TRP D 22 -13.64 16.66 5.07
CA TRP D 22 -12.66 15.58 4.97
C TRP D 22 -12.89 14.64 6.15
N PRO D 23 -13.10 13.35 5.88
CA PRO D 23 -13.50 12.55 7.02
C PRO D 23 -12.46 12.62 8.12
N SER D 24 -11.26 13.05 7.78
CA SER D 24 -10.20 13.24 8.77
C SER D 24 -10.64 14.17 9.91
N TYR D 25 -11.32 15.25 9.53
CA TYR D 25 -11.88 16.18 10.50
C TYR D 25 -12.46 15.34 11.63
N PHE D 26 -12.78 14.08 11.36
CA PHE D 26 -13.51 13.32 12.37
C PHE D 26 -12.78 12.16 13.01
N PHE D 27 -11.92 11.48 12.26
CA PHE D 27 -11.32 10.25 12.79
C PHE D 27 -9.80 10.29 12.88
N SER D 28 -9.16 11.24 12.19
CA SER D 28 -7.73 11.33 12.29
C SER D 28 -7.37 11.04 13.72
N PRO D 29 -6.38 10.17 13.91
CA PRO D 29 -5.96 9.73 15.22
C PRO D 29 -5.57 10.95 16.02
N THR D 30 -5.08 11.97 15.33
CA THR D 30 -4.46 13.11 15.98
C THR D 30 -4.91 14.43 15.39
N ARG D 31 -5.11 15.42 16.26
CA ARG D 31 -5.39 16.78 15.79
C ARG D 31 -4.43 17.13 14.69
N SER D 32 -3.16 16.86 14.94
CA SER D 32 -2.13 17.30 14.03
C SER D 32 -2.35 16.76 12.63
N LYS D 33 -2.93 15.58 12.53
CA LYS D 33 -3.14 15.04 11.20
C LYS D 33 -4.48 15.49 10.60
N GLY D 34 -5.46 15.78 11.45
CA GLY D 34 -6.74 16.30 10.95
C GLY D 34 -7.83 16.61 11.96
N ARG D 35 -7.98 15.79 12.97
CA ARG D 35 -9.11 15.98 13.86
C ARG D 35 -9.38 17.45 14.16
N ARG D 36 -10.66 17.81 14.25
CA ARG D 36 -11.07 19.17 14.55
C ARG D 36 -11.95 19.18 15.78
N LEU D 37 -12.13 18.01 16.39
CA LEU D 37 -13.03 17.88 17.51
C LEU D 37 -12.58 16.78 18.48
N ALA D 38 -13.18 16.75 19.66
CA ALA D 38 -12.92 15.67 20.60
C ALA D 38 -12.64 14.40 19.82
N ARG D 39 -11.87 13.50 20.41
CA ARG D 39 -11.51 12.24 19.77
C ARG D 39 -12.65 11.28 19.97
N ILE D 40 -12.89 10.42 18.99
CA ILE D 40 -14.01 9.52 19.04
C ILE D 40 -13.61 8.06 19.17
N PRO D 41 -13.79 7.50 20.36
CA PRO D 41 -13.43 6.16 20.79
C PRO D 41 -13.66 5.08 19.75
N TYR D 42 -14.92 4.83 19.37
CA TYR D 42 -15.25 3.71 18.48
C TYR D 42 -14.70 3.87 17.06
N LYS D 43 -14.60 2.75 16.35
CA LYS D 43 -14.15 2.75 14.97
C LYS D 43 -15.36 2.90 14.08
N ILE D 44 -15.32 3.83 13.13
CA ILE D 44 -16.49 4.09 12.31
C ILE D 44 -16.20 4.03 10.83
N LYS D 45 -16.90 3.14 10.14
CA LYS D 45 -16.79 3.00 8.69
C LYS D 45 -17.40 4.22 8.05
N THR D 46 -16.95 4.58 6.85
CA THR D 46 -17.48 5.78 6.24
C THR D 46 -18.95 5.53 5.93
N GLU D 47 -19.20 4.42 5.27
CA GLU D 47 -20.57 4.03 4.98
C GLU D 47 -21.47 4.59 6.08
N GLU D 48 -21.19 4.21 7.32
CA GLU D 48 -21.95 4.66 8.47
C GLU D 48 -21.94 6.17 8.58
N LEU D 49 -20.82 6.80 8.25
CA LEU D 49 -20.72 8.25 8.37
C LEU D 49 -21.74 8.95 7.48
N VAL D 50 -21.59 8.78 6.16
CA VAL D 50 -22.54 9.35 5.21
C VAL D 50 -23.95 9.21 5.73
N SER D 51 -24.37 7.97 5.94
CA SER D 51 -25.70 7.71 6.45
C SER D 51 -26.09 8.68 7.57
N THR D 52 -25.13 9.08 8.41
CA THR D 52 -25.42 10.05 9.46
C THR D 52 -25.50 11.43 8.86
N LEU D 53 -24.60 11.72 7.94
CA LEU D 53 -24.70 12.99 7.26
C LEU D 53 -26.12 13.12 6.70
N ARG D 54 -26.73 11.98 6.37
CA ARG D 54 -28.05 12.00 5.75
C ARG D 54 -29.15 12.19 6.80
N GLU D 55 -29.13 11.34 7.81
CA GLU D 55 -30.06 11.47 8.91
C GLU D 55 -30.10 12.87 9.49
N LEU D 56 -29.21 13.75 9.08
CA LEU D 56 -29.25 15.11 9.57
C LEU D 56 -29.69 16.03 8.45
N GLY D 57 -29.96 15.42 7.31
CA GLY D 57 -30.42 16.16 6.16
C GLY D 57 -29.43 17.23 5.79
N LEU D 58 -28.21 16.80 5.46
CA LEU D 58 -27.16 17.68 4.96
C LEU D 58 -26.91 17.42 3.49
N ASP D 59 -27.46 16.30 3.01
CA ASP D 59 -27.44 15.99 1.59
C ASP D 59 -26.06 15.67 1.03
N PRO D 60 -25.41 14.64 1.61
CA PRO D 60 -24.11 14.10 1.25
C PRO D 60 -23.96 13.91 -0.24
N ILE D 61 -22.85 14.40 -0.78
CA ILE D 61 -22.46 14.12 -2.14
C ILE D 61 -20.98 13.79 -2.09
N VAL D 62 -20.61 12.54 -2.38
CA VAL D 62 -19.22 12.13 -2.23
C VAL D 62 -18.38 12.44 -3.46
N ILE D 63 -17.47 13.40 -3.38
CA ILE D 63 -16.55 13.55 -4.47
C ILE D 63 -15.38 12.60 -4.31
N GLU D 64 -14.83 12.13 -5.43
CA GLU D 64 -13.77 11.14 -5.38
C GLU D 64 -12.65 11.60 -6.26
N ASN D 65 -11.49 10.96 -6.13
CA ASN D 65 -10.34 11.45 -6.85
C ASN D 65 -10.00 12.85 -6.31
N LYS D 66 -10.00 12.94 -4.99
CA LYS D 66 -9.50 14.09 -4.32
C LYS D 66 -8.90 13.57 -3.04
N LYS D 67 -7.61 13.85 -2.84
CA LYS D 67 -6.90 13.36 -1.66
C LYS D 67 -6.45 14.47 -0.73
N TYR D 68 -6.77 14.28 0.55
CA TYR D 68 -6.39 15.16 1.62
C TYR D 68 -4.88 15.31 1.57
N PRO D 69 -4.40 16.55 1.56
CA PRO D 69 -2.96 16.70 1.40
C PRO D 69 -2.18 16.21 2.64
N ARG D 70 -2.79 16.33 3.81
CA ARG D 70 -2.13 15.90 5.03
C ARG D 70 -2.10 14.42 5.13
N ASP D 71 -2.83 13.73 4.28
CA ASP D 71 -2.78 12.29 4.33
C ASP D 71 -3.33 11.73 3.07
N ARG D 72 -2.59 11.89 1.99
CA ARG D 72 -3.11 11.48 0.70
C ARG D 72 -3.60 10.02 0.69
N LYS D 73 -3.69 9.41 1.86
CA LYS D 73 -4.19 8.05 1.96
C LYS D 73 -5.71 8.03 1.81
N ILE D 74 -6.30 9.19 1.50
CA ILE D 74 -7.75 9.38 1.46
C ILE D 74 -8.20 10.02 0.16
N ASN D 75 -8.97 9.32 -0.67
CA ASN D 75 -9.34 9.92 -1.97
C ASN D 75 -10.72 10.52 -2.09
N PHE D 76 -11.58 10.26 -1.12
CA PHE D 76 -12.89 10.87 -1.19
C PHE D 76 -13.04 12.06 -0.30
N LEU D 77 -14.24 12.61 -0.35
CA LEU D 77 -14.48 13.96 0.08
C LEU D 77 -15.99 14.12 -0.01
N ILE D 78 -16.60 14.58 1.07
CA ILE D 78 -18.04 14.66 1.12
C ILE D 78 -18.45 16.11 1.21
N ALA D 79 -19.12 16.58 0.17
CA ALA D 79 -19.76 17.89 0.20
C ALA D 79 -20.94 17.78 1.13
N VAL D 80 -21.51 18.92 1.47
CA VAL D 80 -22.51 18.95 2.51
C VAL D 80 -23.13 20.34 2.61
N LYS D 81 -24.45 20.42 2.70
CA LYS D 81 -25.06 21.73 2.85
C LYS D 81 -24.71 22.26 4.25
N LYS D 82 -24.14 23.45 4.33
CA LYS D 82 -23.79 24.02 5.62
C LYS D 82 -25.07 24.29 6.38
N VAL D 83 -25.13 23.88 7.65
CA VAL D 83 -26.32 24.17 8.44
C VAL D 83 -26.27 25.49 9.16
N LYS D 84 -25.22 25.79 9.90
CA LYS D 84 -25.21 27.15 10.46
C LYS D 84 -23.93 27.86 10.09
N SER D 85 -22.83 27.12 10.16
CA SER D 85 -21.50 27.61 9.86
C SER D 85 -20.73 26.33 9.78
N LYS D 86 -19.71 26.26 8.93
CA LYS D 86 -18.98 25.01 8.87
C LYS D 86 -18.88 24.43 10.29
N ASN D 87 -18.47 25.26 11.24
CA ASN D 87 -18.23 24.72 12.57
C ASN D 87 -19.45 24.07 13.20
N TYR D 88 -20.56 24.80 13.20
CA TYR D 88 -21.81 24.31 13.79
C TYR D 88 -22.16 22.94 13.19
N THR D 89 -22.11 22.87 11.87
CA THR D 89 -22.41 21.61 11.22
C THR D 89 -21.59 20.55 11.90
N LEU D 90 -20.28 20.76 11.89
CA LEU D 90 -19.38 19.74 12.40
C LEU D 90 -19.77 19.26 13.78
N LYS D 91 -20.13 20.17 14.66
CA LYS D 91 -20.44 19.75 16.00
C LYS D 91 -21.61 18.77 15.97
N ILE D 92 -22.66 19.13 15.24
CA ILE D 92 -23.86 18.27 15.19
C ILE D 92 -23.53 16.91 14.55
N ILE D 93 -22.91 16.94 13.38
CA ILE D 93 -22.45 15.70 12.79
C ILE D 93 -21.76 14.88 13.86
N HIS D 94 -21.02 15.57 14.72
CA HIS D 94 -20.25 14.90 15.76
C HIS D 94 -21.21 14.31 16.77
N ASN D 95 -21.93 15.18 17.47
CA ASN D 95 -22.88 14.72 18.45
C ASN D 95 -23.64 13.52 17.94
N ALA D 96 -23.96 13.55 16.65
CA ALA D 96 -24.71 12.47 16.02
C ALA D 96 -23.95 11.16 16.10
N LEU D 97 -22.71 11.16 15.61
CA LEU D 97 -21.92 9.93 15.57
C LEU D 97 -21.91 9.32 16.95
N MET D 98 -21.41 10.09 17.91
CA MET D 98 -21.38 9.65 19.28
C MET D 98 -22.76 9.13 19.62
N GLY D 99 -23.76 9.93 19.32
CA GLY D 99 -25.15 9.59 19.60
C GLY D 99 -25.48 8.12 19.44
N THR D 100 -24.97 7.51 18.39
CA THR D 100 -25.18 6.09 18.21
C THR D 100 -24.23 5.34 19.13
N ARG D 101 -24.70 5.09 20.34
CA ARG D 101 -23.93 4.44 21.40
C ARG D 101 -24.75 4.48 22.68
K K E . -1.93 -3.02 -5.33
K K F . -12.97 -6.99 -3.25
MG MG G . -4.53 -4.15 4.21
MG MG H . -5.42 -5.07 -10.34
MG MG I . -37.76 2.98 -21.86
K K J . 5.18 21.90 6.28
K K K . 16.43 14.85 6.84
MG MG L . 4.88 22.41 -2.27
MG MG M . 25.64 -11.22 3.78
MG MG N . -24.85 22.08 19.72
#